data_6EPM
#
_entry.id   6EPM
#
_cell.length_a   150.223
_cell.length_b   150.223
_cell.length_c   200.471
_cell.angle_alpha   90.00
_cell.angle_beta   90.00
_cell.angle_gamma   90.00
#
_symmetry.space_group_name_H-M   'I 4 2 2'
#
loop_
_entity.id
_entity.type
_entity.pdbx_description
1 polymer 'GTPase KRas'
2 polymer 'Son of sevenless homolog 1'
3 non-polymer GLYCEROL
4 non-polymer (1-phenyl-5,6-dihydro-4~{H}-cyclopenta[c]pyrazol-3-yl)methanamine
5 water water
#
loop_
_entity_poly.entity_id
_entity_poly.type
_entity_poly.pdbx_seq_one_letter_code
_entity_poly.pdbx_strand_id
1 'polypeptide(L)'
;GMTEYKLVVVGACGVGKSALTIQLIQNHFVDEYDPTIEDSYRKQVVIDGETCLLDILDTAGQEEYSAMRDQYMRTGEGFL
CVFAINNTKSFEDIHHYREQIKRVKDSEDVPMVLVGNKSDLPSRTVESRQAQDLARSYGIPFIETSAKTRQGVDDAFYTL
VREIRKHKEK
;
R
2 'polypeptide(L)'
;GEEQMRLPSADVYRFAEPDSEENIIFEENMQPKAGIPIIKAGTVIKLIERLTYHMYADPNFVRTFLTTYRSFCKPQELLS
LIIERFEIPEPEPTEADRIAIENGDQPLSAELKRFRKEYIQPVQLRVLNVCRHWVEHHFYDFERDAYLLQRMEEFIGTVR
GKAMKKWVESITKIIQRKKIARDNGPGHNITFQSSPPTVEWHISRPGHIETFDLLTLHPIEIARQLTLLESDLYRAVQPS
ELVGSVWTKEDKEINSPNLLKMIRHTTNLTLWFEKCIVETENLEERVAVVSRIIEILQVFQELNNFNGVLEVVSAMNSSP
VYRLDHTFEQIPSRQKKILEEAHELSEDHYKKYLAKLRSINPPCVPFFGIYLTNILKTEEGNPEVLKRHGKELINFSKRR
KVAEITGEIQQYQNQPYCLRVESDIKRFFENLNPMGNSMEKEFTDYLFNKSLEIEPRNPKPLPRFPKKYSYPLKSPGVRP
SNPRPGT
;
S
#
# COMPACT_ATOMS: atom_id res chain seq x y z
N MET A 2 20.10 20.29 18.24
CA MET A 2 18.65 20.54 17.94
C MET A 2 17.81 19.32 18.35
N THR A 3 16.82 19.55 19.21
CA THR A 3 15.96 18.48 19.70
C THR A 3 15.04 17.94 18.60
N GLU A 4 14.87 16.62 18.56
CA GLU A 4 14.03 15.96 17.58
C GLU A 4 12.89 15.27 18.29
N TYR A 5 11.66 15.52 17.83
CA TYR A 5 10.47 14.94 18.41
C TYR A 5 9.86 13.93 17.42
N LYS A 6 9.87 12.65 17.81
CA LYS A 6 9.26 11.58 17.03
C LYS A 6 7.78 11.47 17.38
N LEU A 7 6.94 11.86 16.43
CA LEU A 7 5.50 11.94 16.60
C LEU A 7 4.85 10.84 15.78
N VAL A 8 3.73 10.30 16.27
CA VAL A 8 3.02 9.20 15.59
C VAL A 8 1.55 9.54 15.53
N VAL A 9 1.01 9.44 14.32
CA VAL A 9 -0.38 9.77 14.04
C VAL A 9 -1.15 8.46 13.98
N VAL A 10 -2.24 8.34 14.74
CA VAL A 10 -3.07 7.15 14.73
C VAL A 10 -4.53 7.49 14.59
N GLY A 11 -5.30 6.56 14.03
CA GLY A 11 -6.73 6.76 13.84
C GLY A 11 -7.29 5.82 12.82
N ALA A 12 -8.62 5.75 12.76
CA ALA A 12 -9.35 4.96 11.76
C ALA A 12 -9.04 5.42 10.32
N CYS A 13 -9.19 4.53 9.36
CA CYS A 13 -9.09 4.93 7.93
C CYS A 13 -10.32 5.74 7.52
N GLY A 14 -10.13 6.63 6.53
CA GLY A 14 -11.15 7.63 6.14
C GLY A 14 -11.12 8.92 6.95
N VAL A 15 -10.31 8.96 8.00
CA VAL A 15 -10.26 10.13 8.90
C VAL A 15 -9.57 11.38 8.27
N GLY A 16 -8.80 11.17 7.18
CA GLY A 16 -7.94 12.20 6.62
C GLY A 16 -6.75 12.46 7.51
N LYS A 17 -6.21 11.41 8.12
CA LYS A 17 -4.96 11.50 8.88
C LYS A 17 -3.82 12.02 8.02
N SER A 18 -3.83 11.58 6.77
CA SER A 18 -2.84 11.95 5.77
C SER A 18 -2.83 13.46 5.61
N ALA A 19 -4.03 14.01 5.44
CA ALA A 19 -4.22 15.42 5.15
C ALA A 19 -3.63 16.30 6.24
N LEU A 20 -3.84 15.88 7.48
CA LEU A 20 -3.30 16.57 8.62
C LEU A 20 -1.78 16.70 8.50
N THR A 21 -1.10 15.57 8.33
CA THR A 21 0.36 15.52 8.28
C THR A 21 0.88 16.22 7.04
N ILE A 22 0.22 15.99 5.91
CA ILE A 22 0.61 16.64 4.66
C ILE A 22 0.48 18.17 4.78
N GLN A 23 -0.63 18.63 5.35
CA GLN A 23 -0.84 20.07 5.52
C GLN A 23 0.18 20.68 6.48
N LEU A 24 0.63 19.93 7.49
CA LEU A 24 1.72 20.42 8.35
C LEU A 24 3.00 20.63 7.55
N ILE A 25 3.39 19.60 6.81
CA ILE A 25 4.71 19.55 6.20
C ILE A 25 4.79 20.37 4.93
N GLN A 26 3.81 20.25 4.04
CA GLN A 26 3.90 20.94 2.76
C GLN A 26 3.88 22.43 3.00
N ASN A 27 4.62 23.16 2.16
CA ASN A 27 4.75 24.61 2.31
C ASN A 27 3.36 25.23 2.22
N HIS A 28 3.20 26.34 2.91
CA HIS A 28 1.87 26.86 3.26
C HIS A 28 0.99 27.15 2.03
N PHE A 29 1.61 27.38 0.85
CA PHE A 29 0.90 27.70 -0.41
C PHE A 29 1.37 26.92 -1.67
N VAL A 30 1.97 25.74 -1.47
CA VAL A 30 2.18 24.78 -2.56
C VAL A 30 1.35 23.53 -2.23
N ASP A 31 0.46 23.17 -3.16
CA ASP A 31 -0.26 21.90 -3.10
C ASP A 31 0.51 20.94 -4.03
N GLU A 32 1.56 20.36 -3.47
CA GLU A 32 2.37 19.35 -4.14
C GLU A 32 3.08 18.51 -3.07
N TYR A 33 3.18 17.21 -3.33
CA TYR A 33 3.65 16.27 -2.31
C TYR A 33 4.07 14.95 -2.92
N ASP A 34 5.35 14.62 -2.78
CA ASP A 34 5.85 13.27 -3.07
C ASP A 34 6.23 12.59 -1.75
N PRO A 35 5.44 11.60 -1.31
CA PRO A 35 5.73 10.95 -0.04
C PRO A 35 6.95 10.00 -0.06
N THR A 36 7.53 9.74 -1.24
CA THR A 36 8.69 8.86 -1.37
C THR A 36 10.02 9.49 -0.89
N ILE A 37 10.13 10.83 -0.90
CA ILE A 37 11.38 11.51 -0.44
C ILE A 37 11.41 11.71 1.08
N GLU A 38 12.58 12.05 1.62
CA GLU A 38 12.77 12.16 3.09
C GLU A 38 12.16 13.43 3.76
N ASP A 39 12.22 14.56 3.07
CA ASP A 39 11.55 15.80 3.53
C ASP A 39 10.01 15.67 3.67
N SER A 40 9.43 14.61 3.09
CA SER A 40 8.02 14.28 3.22
C SER A 40 7.53 14.18 4.66
N TYR A 41 8.37 13.69 5.57
CA TYR A 41 7.93 13.45 6.96
C TYR A 41 8.77 14.16 8.05
N ARG A 42 9.66 15.08 7.65
CA ARG A 42 10.52 15.82 8.58
C ARG A 42 10.38 17.33 8.35
N LYS A 43 10.15 18.08 9.43
CA LYS A 43 10.01 19.52 9.36
C LYS A 43 10.69 20.21 10.55
N GLN A 44 11.41 21.28 10.25
CA GLN A 44 12.04 22.10 11.25
C GLN A 44 11.07 23.20 11.61
N VAL A 45 10.86 23.44 12.89
CA VAL A 45 9.89 24.43 13.37
C VAL A 45 10.36 25.09 14.67
N VAL A 46 9.87 26.32 14.91
CA VAL A 46 10.10 27.06 16.12
C VAL A 46 8.81 27.02 16.93
N ILE A 47 8.87 26.43 18.12
CA ILE A 47 7.74 26.34 19.04
C ILE A 47 8.17 26.95 20.37
N ASP A 48 7.39 27.91 20.87
CA ASP A 48 7.77 28.69 22.05
C ASP A 48 9.24 29.13 22.04
N GLY A 49 9.70 29.65 20.91
CA GLY A 49 11.08 30.12 20.75
C GLY A 49 12.19 29.08 20.72
N GLU A 50 11.84 27.79 20.64
CA GLU A 50 12.81 26.70 20.66
C GLU A 50 12.73 25.98 19.33
N THR A 51 13.73 26.20 18.47
CA THR A 51 13.87 25.49 17.20
C THR A 51 13.99 23.99 17.48
N CYS A 52 13.29 23.19 16.67
CA CYS A 52 13.28 21.74 16.83
C CYS A 52 12.84 21.05 15.55
N LEU A 53 13.07 19.74 15.51
CA LEU A 53 12.83 18.92 14.35
C LEU A 53 11.68 17.94 14.64
N LEU A 54 10.61 18.03 13.85
CA LEU A 54 9.52 17.07 13.93
C LEU A 54 9.74 15.95 12.93
N ASP A 55 9.67 14.72 13.40
CA ASP A 55 9.62 13.53 12.54
C ASP A 55 8.24 12.92 12.76
N ILE A 56 7.44 12.83 11.71
CA ILE A 56 6.05 12.40 11.83
C ILE A 56 5.83 11.08 11.10
N LEU A 57 5.45 10.07 11.85
CA LEU A 57 5.04 8.80 11.29
C LEU A 57 3.53 8.75 11.13
N ASP A 58 3.10 8.60 9.88
CA ASP A 58 1.72 8.45 9.53
C ASP A 58 1.64 7.22 8.64
N THR A 59 1.02 6.16 9.14
CA THR A 59 0.92 4.92 8.38
C THR A 59 -0.45 4.76 7.71
N ALA A 60 -1.12 5.87 7.42
CA ALA A 60 -2.38 5.84 6.70
C ALA A 60 -2.30 4.89 5.51
N GLY A 61 -3.31 4.04 5.39
CA GLY A 61 -3.36 2.98 4.38
C GLY A 61 -2.94 1.61 4.86
N GLN A 62 -2.31 1.54 6.04
CA GLN A 62 -1.86 0.26 6.61
C GLN A 62 -2.70 -0.24 7.79
N GLU A 63 -3.92 0.27 7.92
CA GLU A 63 -4.80 -0.01 9.05
C GLU A 63 -5.19 -1.47 9.18
N GLU A 64 -5.27 -2.17 8.04
CA GLU A 64 -5.53 -3.62 8.03
C GLU A 64 -4.39 -4.45 8.57
N TYR A 65 -3.14 -3.94 8.54
CA TYR A 65 -2.02 -4.64 9.19
C TYR A 65 -2.14 -4.41 10.72
N SER A 66 -3.17 -4.98 11.34
CA SER A 66 -3.55 -4.64 12.73
C SER A 66 -2.50 -5.08 13.76
N ALA A 67 -1.76 -6.14 13.43
CA ALA A 67 -0.73 -6.65 14.29
C ALA A 67 0.56 -5.87 14.23
N MET A 68 0.65 -4.87 13.33
CA MET A 68 1.83 -4.00 13.24
C MET A 68 1.65 -2.70 14.02
N ARG A 69 0.46 -2.43 14.54
CA ARG A 69 0.23 -1.18 15.29
C ARG A 69 1.25 -0.99 16.45
N ASP A 70 1.48 -2.06 17.23
CA ASP A 70 2.43 -1.95 18.36
C ASP A 70 3.81 -1.57 17.87
N GLN A 71 4.29 -2.23 16.81
CA GLN A 71 5.56 -1.87 16.18
C GLN A 71 5.66 -0.40 15.83
N TYR A 72 4.62 0.14 15.19
CA TYR A 72 4.65 1.54 14.74
C TYR A 72 4.56 2.47 15.95
N MET A 73 3.64 2.18 16.87
CA MET A 73 3.47 2.99 18.07
C MET A 73 4.72 3.06 18.93
N ARG A 74 5.41 1.95 19.06
CA ARG A 74 6.62 1.87 19.86
C ARG A 74 7.67 2.90 19.42
N THR A 75 7.68 3.31 18.15
CA THR A 75 8.65 4.29 17.63
C THR A 75 8.45 5.74 18.11
N GLY A 76 7.30 6.06 18.73
CA GLY A 76 6.93 7.45 19.05
C GLY A 76 7.10 7.88 20.51
N GLU A 77 7.40 9.16 20.70
CA GLU A 77 7.37 9.80 22.02
C GLU A 77 6.02 10.45 22.29
N GLY A 78 5.34 10.84 21.22
CA GLY A 78 4.08 11.54 21.34
C GLY A 78 3.13 11.11 20.25
N PHE A 79 1.82 11.16 20.57
CA PHE A 79 0.80 10.62 19.70
C PHE A 79 -0.35 11.57 19.41
N LEU A 80 -0.70 11.71 18.14
CA LEU A 80 -1.95 12.32 17.74
C LEU A 80 -2.96 11.23 17.48
N CYS A 81 -4.04 11.24 18.24
CA CYS A 81 -5.17 10.31 18.06
C CYS A 81 -6.23 11.06 17.30
N VAL A 82 -6.43 10.66 16.04
CA VAL A 82 -7.25 11.42 15.11
C VAL A 82 -8.54 10.70 14.80
N PHE A 83 -9.64 11.42 14.88
CA PHE A 83 -10.93 10.99 14.40
C PHE A 83 -11.47 12.05 13.46
N ALA A 84 -12.51 11.70 12.72
CA ALA A 84 -13.23 12.62 11.81
C ALA A 84 -14.56 13.00 12.42
N ILE A 85 -14.87 14.30 12.44
CA ILE A 85 -16.07 14.81 13.12
C ILE A 85 -17.38 14.37 12.47
N ASN A 86 -17.30 13.87 11.24
CA ASN A 86 -18.45 13.27 10.56
C ASN A 86 -18.47 11.72 10.60
N ASN A 87 -17.68 11.09 11.47
CA ASN A 87 -17.66 9.63 11.61
C ASN A 87 -17.63 9.23 13.10
N THR A 88 -18.81 8.96 13.65
CA THR A 88 -18.96 8.59 15.06
C THR A 88 -18.14 7.35 15.44
N LYS A 89 -18.12 6.34 14.58
CA LYS A 89 -17.34 5.14 14.81
C LYS A 89 -15.85 5.45 15.03
N SER A 90 -15.26 6.34 14.21
CA SER A 90 -13.86 6.73 14.39
C SER A 90 -13.62 7.44 15.71
N PHE A 91 -14.64 8.14 16.21
CA PHE A 91 -14.58 8.78 17.52
C PHE A 91 -14.57 7.74 18.65
N GLU A 92 -15.48 6.78 18.56
CA GLU A 92 -15.55 5.68 19.53
C GLU A 92 -14.32 4.78 19.58
N ASP A 93 -13.64 4.61 18.44
CA ASP A 93 -12.39 3.84 18.37
C ASP A 93 -11.23 4.50 19.09
N ILE A 94 -11.29 5.82 19.31
CA ILE A 94 -10.22 6.51 20.04
C ILE A 94 -9.81 5.82 21.36
N HIS A 95 -10.79 5.37 22.14
N HIS A 95 -10.79 5.34 22.14
CA HIS A 95 -10.54 4.67 23.42
CA HIS A 95 -10.48 4.71 23.43
C HIS A 95 -9.53 3.55 23.20
C HIS A 95 -9.58 3.48 23.27
N HIS A 96 -9.76 2.71 22.19
CA HIS A 96 -8.89 1.57 21.88
C HIS A 96 -7.46 1.97 21.51
N TYR A 97 -7.31 3.04 20.70
CA TYR A 97 -5.97 3.52 20.34
C TYR A 97 -5.20 3.97 21.58
N ARG A 98 -5.86 4.71 22.46
CA ARG A 98 -5.23 5.17 23.69
CA ARG A 98 -5.22 5.16 23.68
C ARG A 98 -4.76 3.98 24.54
N GLU A 99 -5.65 3.01 24.76
CA GLU A 99 -5.30 1.84 25.56
C GLU A 99 -4.09 1.12 24.98
N GLN A 100 -4.06 0.97 23.67
CA GLN A 100 -2.99 0.25 23.01
C GLN A 100 -1.66 1.00 23.13
N ILE A 101 -1.70 2.33 23.02
CA ILE A 101 -0.53 3.19 23.25
C ILE A 101 0.01 3.09 24.67
N LYS A 102 -0.87 3.16 25.66
CA LYS A 102 -0.45 3.04 27.06
C LYS A 102 0.23 1.70 27.32
N ARG A 103 -0.31 0.66 26.71
CA ARG A 103 0.21 -0.69 26.85
C ARG A 103 1.59 -0.80 26.20
N VAL A 104 1.75 -0.26 24.98
CA VAL A 104 3.01 -0.31 24.26
C VAL A 104 4.13 0.50 24.94
N LYS A 105 3.81 1.70 25.40
CA LYS A 105 4.79 2.55 26.10
C LYS A 105 4.93 2.20 27.60
N ASP A 106 4.12 1.26 28.08
CA ASP A 106 4.17 0.80 29.46
C ASP A 106 4.03 1.97 30.45
N SER A 107 3.01 2.79 30.24
CA SER A 107 2.83 4.02 31.01
C SER A 107 1.40 4.55 30.89
N GLU A 108 0.93 5.12 32.01
CA GLU A 108 -0.37 5.76 32.14
C GLU A 108 -0.36 7.20 31.60
N ASP A 109 0.84 7.77 31.46
CA ASP A 109 1.03 9.20 31.22
C ASP A 109 1.90 9.40 29.96
N VAL A 110 1.37 9.02 28.80
CA VAL A 110 2.06 9.14 27.52
C VAL A 110 1.63 10.44 26.85
N PRO A 111 2.59 11.26 26.36
CA PRO A 111 2.21 12.50 25.68
C PRO A 111 1.29 12.25 24.50
N MET A 112 0.14 12.94 24.51
CA MET A 112 -0.99 12.62 23.63
C MET A 112 -1.96 13.81 23.43
N VAL A 113 -2.54 13.92 22.24
CA VAL A 113 -3.56 14.92 21.95
C VAL A 113 -4.65 14.26 21.14
N LEU A 114 -5.88 14.67 21.38
CA LEU A 114 -7.02 14.24 20.61
C LEU A 114 -7.25 15.25 19.50
N VAL A 115 -7.40 14.77 18.28
CA VAL A 115 -7.66 15.65 17.15
C VAL A 115 -8.92 15.23 16.41
N GLY A 116 -9.86 16.18 16.29
CA GLY A 116 -11.04 15.99 15.45
C GLY A 116 -10.90 16.74 14.13
N ASN A 117 -10.85 16.01 13.03
CA ASN A 117 -10.62 16.63 11.74
C ASN A 117 -11.91 16.75 10.93
N LYS A 118 -12.09 17.92 10.31
CA LYS A 118 -13.18 18.20 9.38
C LYS A 118 -12.61 18.27 7.95
N SER A 119 -13.30 17.64 7.01
CA SER A 119 -13.08 17.90 5.58
C SER A 119 -14.43 18.17 4.92
N ASP A 120 -14.97 17.19 4.18
CA ASP A 120 -16.15 17.41 3.34
C ASP A 120 -17.30 16.55 3.85
N LEU A 121 -18.45 16.63 3.18
CA LEU A 121 -19.66 15.87 3.54
C LEU A 121 -19.35 14.36 3.81
N PRO A 122 -20.12 13.67 4.68
CA PRO A 122 -21.30 14.21 5.39
C PRO A 122 -21.00 15.28 6.47
N SER A 123 -22.07 15.91 6.96
CA SER A 123 -21.94 16.90 8.03
C SER A 123 -21.60 16.25 9.39
N ARG A 124 -21.27 17.11 10.33
CA ARG A 124 -20.82 16.73 11.65
C ARG A 124 -21.77 15.80 12.38
N THR A 125 -21.22 14.74 12.98
CA THR A 125 -21.95 13.84 13.91
C THR A 125 -21.35 13.79 15.32
N VAL A 126 -20.17 14.38 15.52
CA VAL A 126 -19.49 14.46 16.81
C VAL A 126 -19.36 15.95 17.17
N GLU A 127 -20.17 16.40 18.14
CA GLU A 127 -20.10 17.79 18.57
C GLU A 127 -18.82 17.99 19.36
N SER A 128 -18.25 19.18 19.29
CA SER A 128 -16.96 19.42 19.92
C SER A 128 -17.05 19.20 21.43
N ARG A 129 -18.21 19.46 22.03
CA ARG A 129 -18.41 19.21 23.45
C ARG A 129 -18.09 17.77 23.84
N GLN A 130 -18.57 16.82 23.03
CA GLN A 130 -18.38 15.41 23.29
C GLN A 130 -16.91 15.07 23.34
N ALA A 131 -16.14 15.63 22.38
CA ALA A 131 -14.71 15.40 22.28
C ALA A 131 -13.96 16.10 23.41
N GLN A 132 -14.36 17.33 23.75
CA GLN A 132 -13.83 18.02 24.93
C GLN A 132 -14.01 17.17 26.21
N ASP A 133 -15.18 16.56 26.37
CA ASP A 133 -15.45 15.70 27.52
C ASP A 133 -14.55 14.44 27.55
N LEU A 134 -14.45 13.76 26.41
CA LEU A 134 -13.55 12.60 26.30
C LEU A 134 -12.11 13.00 26.62
N ALA A 135 -11.63 14.08 26.02
CA ALA A 135 -10.25 14.54 26.24
C ALA A 135 -9.98 14.90 27.69
N ARG A 136 -10.96 15.51 28.33
CA ARG A 136 -10.86 15.82 29.74
C ARG A 136 -10.77 14.57 30.61
N SER A 137 -11.53 13.52 30.29
CA SER A 137 -11.47 12.28 31.07
C SER A 137 -10.10 11.58 30.96
N TYR A 138 -9.43 11.73 29.82
CA TYR A 138 -8.03 11.26 29.63
C TYR A 138 -6.97 12.23 30.17
N GLY A 139 -7.35 13.47 30.45
CA GLY A 139 -6.42 14.50 30.86
C GLY A 139 -5.45 14.91 29.76
N ILE A 140 -5.95 14.99 28.53
CA ILE A 140 -5.15 15.42 27.36
C ILE A 140 -5.84 16.57 26.61
N PRO A 141 -5.09 17.30 25.76
CA PRO A 141 -5.75 18.38 25.02
C PRO A 141 -6.59 17.90 23.81
N PHE A 142 -7.59 18.70 23.46
CA PHE A 142 -8.38 18.48 22.28
C PHE A 142 -8.17 19.64 21.31
N ILE A 143 -7.87 19.32 20.04
CA ILE A 143 -7.76 20.31 18.98
C ILE A 143 -8.66 19.89 17.80
N GLU A 144 -9.44 20.82 17.30
CA GLU A 144 -10.24 20.57 16.10
C GLU A 144 -9.53 21.23 14.92
N THR A 145 -9.48 20.53 13.79
CA THR A 145 -8.77 20.98 12.62
C THR A 145 -9.66 20.90 11.40
N SER A 146 -9.34 21.74 10.41
CA SER A 146 -9.89 21.64 9.08
C SER A 146 -8.73 21.53 8.12
N ALA A 147 -8.54 20.32 7.59
CA ALA A 147 -7.49 19.99 6.61
C ALA A 147 -7.45 20.97 5.43
N LYS A 148 -8.60 21.09 4.76
CA LYS A 148 -8.73 21.91 3.55
C LYS A 148 -8.44 23.42 3.70
N THR A 149 -8.67 24.00 4.88
CA THR A 149 -8.39 25.42 5.15
C THR A 149 -7.13 25.63 5.97
N ARG A 150 -6.49 24.54 6.37
CA ARG A 150 -5.31 24.54 7.25
C ARG A 150 -5.55 25.03 8.70
N GLN A 151 -6.81 25.25 9.09
CA GLN A 151 -7.13 25.78 10.42
C GLN A 151 -6.86 24.71 11.48
N GLY A 152 -6.05 25.04 12.48
CA GLY A 152 -5.80 24.14 13.61
C GLY A 152 -4.67 23.14 13.48
N VAL A 153 -4.05 23.06 12.29
CA VAL A 153 -3.07 21.99 12.01
C VAL A 153 -1.81 22.20 12.83
N ASP A 154 -1.27 23.41 12.78
CA ASP A 154 -0.10 23.79 13.59
C ASP A 154 -0.39 23.61 15.05
N ASP A 155 -1.53 24.12 15.48
CA ASP A 155 -1.92 24.03 16.89
C ASP A 155 -1.94 22.57 17.38
N ALA A 156 -2.42 21.65 16.54
CA ALA A 156 -2.47 20.24 16.90
C ALA A 156 -1.10 19.65 17.18
N PHE A 157 -0.18 19.84 16.23
CA PHE A 157 1.18 19.33 16.37
C PHE A 157 1.97 20.04 17.43
N TYR A 158 1.87 21.37 17.47
CA TYR A 158 2.63 22.15 18.47
C TYR A 158 2.15 21.87 19.89
N THR A 159 0.87 21.63 20.08
CA THR A 159 0.35 21.29 21.38
C THR A 159 0.93 19.95 21.82
N LEU A 160 1.07 19.01 20.89
CA LEU A 160 1.68 17.72 21.22
C LEU A 160 3.15 17.85 21.66
N VAL A 161 3.92 18.68 20.98
CA VAL A 161 5.29 18.97 21.37
C VAL A 161 5.35 19.58 22.78
N ARG A 162 4.46 20.52 23.06
CA ARG A 162 4.35 21.12 24.40
C ARG A 162 4.03 20.07 25.44
N GLU A 163 3.19 19.08 25.07
CA GLU A 163 2.89 17.97 25.97
C GLU A 163 4.11 17.11 26.28
N ILE A 164 4.95 16.87 25.28
CA ILE A 164 6.17 16.09 25.45
C ILE A 164 7.20 16.83 26.31
N ARG A 165 7.40 18.11 26.06
CA ARG A 165 8.28 18.93 26.89
C ARG A 165 7.86 18.88 28.37
N LYS A 166 6.57 19.10 28.63
CA LYS A 166 6.03 19.04 30.00
C LYS A 166 6.17 17.66 30.66
N HIS A 167 6.05 16.60 29.86
CA HIS A 167 6.31 15.24 30.35
C HIS A 167 7.79 14.99 30.69
N LYS A 168 8.71 15.54 29.89
CA LYS A 168 10.16 15.33 30.10
C LYS A 168 10.75 16.10 31.30
N GLU A 169 10.14 17.22 31.68
CA GLU A 169 10.51 17.94 32.91
C GLU A 169 10.37 17.04 34.14
N LYS A 170 9.13 16.77 34.55
CA LYS A 170 8.79 15.83 35.64
C LYS A 170 9.58 16.05 36.93
N GLU B 3 4.39 24.42 -43.85
CA GLU B 3 2.95 24.34 -43.44
C GLU B 3 2.74 23.32 -42.32
N GLN B 4 1.77 23.58 -41.45
CA GLN B 4 1.51 22.71 -40.29
C GLN B 4 0.69 21.48 -40.75
N MET B 5 -0.57 21.70 -41.13
CA MET B 5 -1.49 20.60 -41.48
C MET B 5 -2.82 21.03 -42.10
N ARG B 6 -3.49 21.98 -41.43
CA ARG B 6 -4.87 22.39 -41.75
C ARG B 6 -5.87 21.28 -41.37
N LEU B 7 -6.26 21.30 -40.10
CA LEU B 7 -7.23 20.36 -39.53
C LEU B 7 -8.63 20.93 -39.80
N PRO B 8 -9.70 20.24 -39.34
CA PRO B 8 -11.02 20.90 -39.34
C PRO B 8 -11.15 21.95 -38.24
N SER B 9 -12.25 22.69 -38.22
CA SER B 9 -12.49 23.64 -37.13
C SER B 9 -12.95 22.87 -35.88
N ALA B 10 -12.75 23.49 -34.71
CA ALA B 10 -13.17 22.88 -33.43
C ALA B 10 -14.70 22.78 -33.26
N ASP B 11 -15.44 23.54 -34.06
CA ASP B 11 -16.91 23.43 -34.17
C ASP B 11 -17.35 22.01 -34.54
N VAL B 12 -16.70 21.43 -35.56
CA VAL B 12 -17.09 20.12 -36.13
C VAL B 12 -16.22 18.95 -35.63
N TYR B 13 -15.13 19.24 -34.92
CA TYR B 13 -14.21 18.21 -34.43
C TYR B 13 -13.38 18.76 -33.26
N ARG B 14 -13.67 18.32 -32.04
CA ARG B 14 -13.15 18.99 -30.83
C ARG B 14 -11.63 18.84 -30.60
N PHE B 15 -10.99 17.88 -31.26
CA PHE B 15 -9.54 17.59 -31.05
C PHE B 15 -8.62 18.44 -31.94
N ALA B 16 -9.19 19.28 -32.80
CA ALA B 16 -8.42 20.18 -33.65
C ALA B 16 -8.00 21.46 -32.93
N GLU B 17 -8.65 21.77 -31.81
CA GLU B 17 -8.35 22.98 -31.03
C GLU B 17 -6.83 23.07 -30.77
N PRO B 18 -6.24 24.27 -30.95
CA PRO B 18 -4.78 24.38 -30.71
C PRO B 18 -4.37 24.24 -29.25
N ASP B 19 -3.15 23.73 -29.02
CA ASP B 19 -2.58 23.68 -27.67
C ASP B 19 -2.44 25.09 -27.13
N SER B 20 -2.85 25.30 -25.89
CA SER B 20 -2.59 26.56 -25.20
C SER B 20 -2.41 26.33 -23.71
N GLU B 21 -1.99 27.39 -23.01
CA GLU B 21 -1.82 27.38 -21.56
C GLU B 21 -3.13 27.08 -20.81
N GLU B 22 -4.29 27.24 -21.49
CA GLU B 22 -5.61 26.96 -20.91
C GLU B 22 -6.14 25.54 -21.12
N ASN B 23 -5.43 24.71 -21.89
CA ASN B 23 -5.88 23.34 -22.12
C ASN B 23 -4.83 22.23 -21.98
N ILE B 24 -3.55 22.56 -22.00
CA ILE B 24 -2.52 21.56 -21.77
C ILE B 24 -1.22 22.21 -21.29
N ILE B 25 -0.61 21.60 -20.27
CA ILE B 25 0.67 22.03 -19.74
C ILE B 25 1.56 20.84 -19.44
N PHE B 26 2.87 21.11 -19.43
CA PHE B 26 3.92 20.10 -19.46
C PHE B 26 4.87 20.30 -18.29
N GLU B 27 5.47 19.19 -17.83
CA GLU B 27 6.60 19.25 -16.90
C GLU B 27 7.80 19.76 -17.72
N GLU B 28 8.80 20.35 -17.07
CA GLU B 28 9.99 20.82 -17.82
C GLU B 28 10.87 19.70 -18.49
N ASN B 29 11.05 18.56 -17.81
N ASN B 29 11.07 18.57 -17.81
CA ASN B 29 11.90 17.45 -18.30
CA ASN B 29 11.90 17.47 -18.33
C ASN B 29 11.18 16.60 -19.36
C ASN B 29 11.18 16.58 -19.35
N MET B 30 11.96 15.82 -20.11
CA MET B 30 11.47 14.99 -21.25
C MET B 30 11.47 13.49 -20.94
N GLN B 31 10.56 12.76 -21.61
CA GLN B 31 10.26 11.35 -21.28
C GLN B 31 11.51 10.49 -21.42
N PRO B 32 11.83 9.69 -20.38
CA PRO B 32 13.01 8.82 -20.46
C PRO B 32 12.95 7.81 -21.63
N LYS B 33 14.11 7.59 -22.25
CA LYS B 33 14.30 6.77 -23.46
C LYS B 33 13.72 7.35 -24.77
N ALA B 34 12.60 8.07 -24.70
CA ALA B 34 11.75 8.38 -25.85
C ALA B 34 11.83 9.81 -26.41
N GLY B 35 12.27 10.78 -25.62
CA GLY B 35 12.36 12.18 -26.08
C GLY B 35 11.04 12.91 -26.30
N ILE B 36 9.97 12.40 -25.70
CA ILE B 36 8.61 12.91 -25.81
C ILE B 36 8.34 13.84 -24.63
N PRO B 37 7.52 14.89 -24.82
CA PRO B 37 7.15 15.71 -23.65
C PRO B 37 6.34 14.98 -22.58
N ILE B 38 6.56 15.35 -21.32
CA ILE B 38 5.83 14.79 -20.20
C ILE B 38 4.67 15.71 -19.89
N ILE B 39 3.46 15.18 -20.02
CA ILE B 39 2.25 15.95 -19.79
C ILE B 39 2.02 16.06 -18.29
N LYS B 40 1.86 17.30 -17.80
CA LYS B 40 1.58 17.59 -16.41
C LYS B 40 0.06 17.64 -16.16
N ALA B 41 -0.63 18.35 -17.04
CA ALA B 41 -2.07 18.53 -16.93
C ALA B 41 -2.71 18.94 -18.24
N GLY B 42 -4.00 18.67 -18.35
CA GLY B 42 -4.76 19.10 -19.51
C GLY B 42 -6.21 18.74 -19.37
N THR B 43 -7.05 19.29 -20.24
CA THR B 43 -8.47 18.96 -20.27
C THR B 43 -8.58 17.53 -20.76
N VAL B 44 -9.71 16.88 -20.50
CA VAL B 44 -9.86 15.48 -20.90
C VAL B 44 -9.73 15.32 -22.43
N ILE B 45 -10.22 16.30 -23.20
CA ILE B 45 -10.08 16.34 -24.67
C ILE B 45 -8.62 16.32 -25.11
N LYS B 46 -7.81 17.17 -24.49
CA LYS B 46 -6.37 17.22 -24.77
C LYS B 46 -5.64 15.97 -24.34
N LEU B 47 -6.04 15.38 -23.21
CA LEU B 47 -5.44 14.12 -22.79
C LEU B 47 -5.72 13.02 -23.80
N ILE B 48 -6.94 13.01 -24.34
CA ILE B 48 -7.31 12.00 -25.32
C ILE B 48 -6.65 12.23 -26.65
N GLU B 49 -6.49 13.50 -27.04
CA GLU B 49 -5.70 13.86 -28.21
C GLU B 49 -4.30 13.28 -28.13
N ARG B 50 -3.65 13.44 -26.98
CA ARG B 50 -2.26 13.00 -26.79
C ARG B 50 -2.13 11.48 -26.60
N LEU B 51 -3.19 10.88 -26.06
CA LEU B 51 -3.28 9.43 -25.97
C LEU B 51 -3.29 8.78 -27.34
N THR B 52 -3.77 9.53 -28.33
CA THR B 52 -3.89 9.06 -29.69
C THR B 52 -3.24 10.07 -30.66
N TYR B 53 -2.00 10.47 -30.35
CA TYR B 53 -1.38 11.63 -31.00
C TYR B 53 -0.85 11.27 -32.40
N HIS B 54 -0.99 12.18 -33.35
CA HIS B 54 -0.66 11.86 -34.73
C HIS B 54 0.85 11.81 -35.00
N MET B 55 1.64 12.65 -34.34
CA MET B 55 3.09 12.73 -34.60
C MET B 55 3.90 11.50 -34.17
N TYR B 56 3.56 10.88 -33.04
CA TYR B 56 4.29 9.70 -32.53
C TYR B 56 3.41 8.87 -31.61
N ALA B 57 3.85 7.64 -31.34
CA ALA B 57 3.21 6.77 -30.36
C ALA B 57 3.75 7.12 -28.98
N ASP B 58 2.97 6.84 -27.94
CA ASP B 58 3.34 7.16 -26.57
C ASP B 58 2.97 5.99 -25.63
N PRO B 59 3.73 4.89 -25.71
CA PRO B 59 3.40 3.72 -24.91
C PRO B 59 3.22 4.02 -23.43
N ASN B 60 4.11 4.82 -22.85
CA ASN B 60 4.08 5.10 -21.41
C ASN B 60 2.86 5.87 -20.99
N PHE B 61 2.49 6.86 -21.81
CA PHE B 61 1.31 7.65 -21.53
C PHE B 61 0.06 6.76 -21.64
N VAL B 62 0.03 5.88 -22.66
CA VAL B 62 -1.10 4.94 -22.83
C VAL B 62 -1.29 4.03 -21.61
N ARG B 63 -0.20 3.48 -21.11
CA ARG B 63 -0.25 2.60 -19.92
C ARG B 63 -0.74 3.37 -18.72
N THR B 64 -0.09 4.49 -18.44
CA THR B 64 -0.38 5.35 -17.31
C THR B 64 -1.83 5.79 -17.34
N PHE B 65 -2.27 6.27 -18.50
CA PHE B 65 -3.65 6.71 -18.67
C PHE B 65 -4.63 5.58 -18.38
N LEU B 66 -4.42 4.40 -18.95
CA LEU B 66 -5.42 3.31 -18.86
C LEU B 66 -5.44 2.70 -17.47
N THR B 67 -4.36 2.86 -16.72
CA THR B 67 -4.30 2.42 -15.33
C THR B 67 -5.07 3.37 -14.42
N THR B 68 -5.06 4.67 -14.74
CA THR B 68 -5.48 5.71 -13.77
C THR B 68 -6.67 6.60 -14.16
N TYR B 69 -7.26 6.41 -15.33
CA TYR B 69 -8.24 7.39 -15.85
C TYR B 69 -9.53 7.51 -15.07
N ARG B 70 -9.88 6.47 -14.32
CA ARG B 70 -11.23 6.32 -13.79
C ARG B 70 -11.61 7.32 -12.72
N SER B 71 -10.61 7.92 -12.06
CA SER B 71 -10.85 9.04 -11.13
C SER B 71 -11.38 10.30 -11.84
N PHE B 72 -11.01 10.51 -13.11
CA PHE B 72 -11.45 11.71 -13.86
C PHE B 72 -12.40 11.50 -15.03
N CYS B 73 -12.61 10.25 -15.45
CA CYS B 73 -13.40 9.94 -16.64
C CYS B 73 -13.96 8.53 -16.50
N LYS B 74 -15.25 8.37 -16.76
CA LYS B 74 -15.86 7.04 -16.64
C LYS B 74 -15.54 6.20 -17.87
N PRO B 75 -15.55 4.88 -17.73
CA PRO B 75 -15.23 4.03 -18.90
C PRO B 75 -16.10 4.29 -20.13
N GLN B 76 -17.39 4.45 -19.92
CA GLN B 76 -18.33 4.76 -20.98
C GLN B 76 -17.95 6.06 -21.70
N GLU B 77 -17.58 7.07 -20.92
CA GLU B 77 -17.15 8.38 -21.43
C GLU B 77 -15.85 8.28 -22.23
N LEU B 78 -14.88 7.50 -21.75
CA LEU B 78 -13.62 7.23 -22.49
C LEU B 78 -13.87 6.60 -23.87
N LEU B 79 -14.69 5.55 -23.91
CA LEU B 79 -15.04 4.90 -25.17
C LEU B 79 -15.73 5.84 -26.13
N SER B 80 -16.68 6.65 -25.62
CA SER B 80 -17.32 7.70 -26.42
C SER B 80 -16.30 8.68 -27.03
N LEU B 81 -15.33 9.09 -26.21
CA LEU B 81 -14.33 10.08 -26.63
C LEU B 81 -13.35 9.53 -27.67
N ILE B 82 -12.94 8.26 -27.54
CA ILE B 82 -12.03 7.68 -28.53
C ILE B 82 -12.75 7.38 -29.85
N ILE B 83 -14.05 7.08 -29.79
CA ILE B 83 -14.87 6.89 -31.00
C ILE B 83 -15.00 8.23 -31.73
N GLU B 84 -15.33 9.27 -30.97
CA GLU B 84 -15.34 10.62 -31.49
C GLU B 84 -14.01 11.01 -32.12
N ARG B 85 -12.92 10.68 -31.43
CA ARG B 85 -11.56 10.93 -31.94
C ARG B 85 -11.34 10.26 -33.29
N PHE B 86 -11.73 9.00 -33.38
CA PHE B 86 -11.58 8.16 -34.59
C PHE B 86 -12.30 8.76 -35.81
N GLU B 87 -13.55 9.17 -35.60
CA GLU B 87 -14.43 9.69 -36.67
C GLU B 87 -14.03 11.11 -37.05
N ILE B 88 -13.01 11.20 -37.89
CA ILE B 88 -12.42 12.47 -38.30
C ILE B 88 -13.13 12.90 -39.59
N PRO B 89 -13.74 14.10 -39.61
CA PRO B 89 -14.22 14.62 -40.90
C PRO B 89 -13.06 15.20 -41.72
N GLU B 90 -13.29 15.40 -43.00
CA GLU B 90 -12.28 16.00 -43.87
C GLU B 90 -12.54 17.52 -43.89
N PRO B 91 -11.48 18.36 -43.95
CA PRO B 91 -11.70 19.81 -44.11
C PRO B 91 -12.47 20.19 -45.39
N GLU B 92 -12.90 21.46 -45.45
CA GLU B 92 -13.87 21.93 -46.47
C GLU B 92 -13.37 21.71 -47.91
N PRO B 93 -14.30 21.43 -48.87
CA PRO B 93 -14.02 20.97 -50.25
C PRO B 93 -12.70 21.39 -50.92
N THR B 94 -12.11 20.47 -51.68
CA THR B 94 -10.80 20.64 -52.32
C THR B 94 -10.81 21.42 -53.66
N GLU B 95 -11.90 22.13 -53.96
CA GLU B 95 -12.03 22.98 -55.16
C GLU B 95 -12.08 22.17 -56.48
N ALA B 96 -12.43 20.88 -56.39
CA ALA B 96 -12.40 19.97 -57.54
C ALA B 96 -13.64 20.12 -58.40
N SER B 109 -5.66 16.41 -55.41
CA SER B 109 -5.93 16.18 -54.00
C SER B 109 -4.64 16.24 -53.18
N ALA B 110 -3.89 17.34 -53.36
CA ALA B 110 -2.60 17.56 -52.67
C ALA B 110 -2.71 17.48 -51.15
N GLU B 111 -3.66 18.24 -50.60
CA GLU B 111 -3.82 18.38 -49.14
C GLU B 111 -4.63 17.24 -48.51
N LEU B 112 -5.32 16.44 -49.33
CA LEU B 112 -6.22 15.39 -48.84
C LEU B 112 -5.54 14.03 -48.69
N LYS B 113 -4.67 13.68 -49.64
CA LYS B 113 -3.87 12.46 -49.53
C LYS B 113 -2.81 12.58 -48.43
N ARG B 114 -2.26 13.79 -48.28
CA ARG B 114 -1.35 14.13 -47.18
C ARG B 114 -2.06 14.00 -45.82
N PHE B 115 -3.22 14.64 -45.70
CA PHE B 115 -4.01 14.64 -44.47
C PHE B 115 -4.49 13.24 -44.07
N ARG B 116 -4.99 12.46 -45.05
CA ARG B 116 -5.37 11.05 -44.81
C ARG B 116 -4.20 10.20 -44.30
N LYS B 117 -3.01 10.41 -44.86
CA LYS B 117 -1.85 9.58 -44.57
C LYS B 117 -1.10 9.99 -43.30
N GLU B 118 -1.03 11.30 -43.04
CA GLU B 118 -0.26 11.86 -41.90
C GLU B 118 -1.10 12.35 -40.71
N TYR B 119 -2.43 12.38 -40.85
CA TYR B 119 -3.31 12.66 -39.70
C TYR B 119 -4.30 11.52 -39.43
N ILE B 120 -5.22 11.28 -40.37
CA ILE B 120 -6.36 10.40 -40.14
C ILE B 120 -5.89 8.98 -39.80
N GLN B 121 -5.01 8.45 -40.64
CA GLN B 121 -4.59 7.06 -40.51
C GLN B 121 -3.78 6.81 -39.22
N PRO B 122 -2.71 7.59 -38.99
CA PRO B 122 -2.02 7.50 -37.69
C PRO B 122 -2.95 7.58 -36.48
N VAL B 123 -3.85 8.55 -36.45
CA VAL B 123 -4.73 8.75 -35.32
C VAL B 123 -5.64 7.55 -35.15
N GLN B 124 -6.19 7.05 -36.25
CA GLN B 124 -7.09 5.90 -36.19
C GLN B 124 -6.35 4.65 -35.69
N LEU B 125 -5.12 4.44 -36.16
CA LEU B 125 -4.27 3.37 -35.63
C LEU B 125 -3.98 3.51 -34.14
N ARG B 126 -3.82 4.73 -33.64
CA ARG B 126 -3.53 4.95 -32.23
C ARG B 126 -4.75 4.66 -31.37
N VAL B 127 -5.95 4.95 -31.86
CA VAL B 127 -7.18 4.61 -31.17
C VAL B 127 -7.32 3.10 -31.07
N LEU B 128 -7.07 2.42 -32.18
CA LEU B 128 -7.15 0.96 -32.19
C LEU B 128 -6.15 0.39 -31.19
N ASN B 129 -4.96 0.98 -31.14
CA ASN B 129 -3.95 0.63 -30.15
C ASN B 129 -4.41 0.76 -28.70
N VAL B 130 -5.14 1.84 -28.43
CA VAL B 130 -5.73 2.08 -27.12
C VAL B 130 -6.77 1.02 -26.81
N CYS B 131 -7.63 0.70 -27.78
CA CYS B 131 -8.67 -0.32 -27.61
C CYS B 131 -8.04 -1.67 -27.27
N ARG B 132 -7.02 -2.05 -28.04
CA ARG B 132 -6.24 -3.27 -27.83
C ARG B 132 -5.68 -3.34 -26.40
N HIS B 133 -4.95 -2.30 -26.00
CA HIS B 133 -4.33 -2.25 -24.66
C HIS B 133 -5.39 -2.27 -23.52
N TRP B 134 -6.52 -1.63 -23.76
CA TRP B 134 -7.60 -1.53 -22.79
C TRP B 134 -8.18 -2.93 -22.51
N VAL B 135 -8.52 -3.60 -23.60
CA VAL B 135 -9.11 -4.93 -23.59
C VAL B 135 -8.12 -6.02 -23.09
N GLU B 136 -6.83 -5.83 -23.35
CA GLU B 136 -5.80 -6.78 -22.95
C GLU B 136 -5.47 -6.65 -21.47
N HIS B 137 -5.19 -5.43 -21.03
CA HIS B 137 -4.64 -5.16 -19.70
C HIS B 137 -5.62 -4.61 -18.65
N HIS B 138 -6.78 -4.11 -19.07
CA HIS B 138 -7.78 -3.58 -18.12
C HIS B 138 -9.15 -4.12 -18.47
N PHE B 139 -9.24 -5.44 -18.64
CA PHE B 139 -10.49 -6.04 -19.11
C PHE B 139 -11.60 -5.99 -18.06
N TYR B 140 -11.24 -5.79 -16.79
CA TYR B 140 -12.22 -5.64 -15.72
C TYR B 140 -13.28 -4.54 -15.96
N ASP B 141 -12.92 -3.48 -16.67
CA ASP B 141 -13.91 -2.48 -17.08
C ASP B 141 -15.06 -3.11 -17.84
N PHE B 142 -14.74 -4.09 -18.69
CA PHE B 142 -15.73 -4.79 -19.50
C PHE B 142 -16.48 -5.91 -18.74
N GLU B 143 -15.81 -6.62 -17.83
CA GLU B 143 -16.46 -7.65 -16.96
C GLU B 143 -17.53 -7.02 -16.09
N ARG B 144 -17.31 -5.76 -15.70
CA ARG B 144 -18.20 -5.05 -14.78
C ARG B 144 -19.34 -4.28 -15.45
N ASP B 145 -19.19 -4.00 -16.75
CA ASP B 145 -20.16 -3.24 -17.52
C ASP B 145 -20.29 -3.96 -18.86
N ALA B 146 -21.27 -4.86 -18.94
CA ALA B 146 -21.52 -5.61 -20.18
C ALA B 146 -21.85 -4.71 -21.39
N TYR B 147 -22.51 -3.57 -21.13
CA TYR B 147 -22.88 -2.64 -22.20
C TYR B 147 -21.61 -1.99 -22.79
N LEU B 148 -20.65 -1.67 -21.94
CA LEU B 148 -19.37 -1.15 -22.40
C LEU B 148 -18.70 -2.10 -23.40
N LEU B 149 -18.80 -3.41 -23.13
CA LEU B 149 -18.28 -4.41 -24.03
C LEU B 149 -19.10 -4.46 -25.32
N GLN B 150 -20.42 -4.42 -25.18
CA GLN B 150 -21.32 -4.35 -26.34
C GLN B 150 -20.90 -3.21 -27.28
N ARG B 151 -20.73 -2.02 -26.73
CA ARG B 151 -20.35 -0.83 -27.52
C ARG B 151 -18.99 -0.96 -28.18
N MET B 152 -18.00 -1.50 -27.47
CA MET B 152 -16.67 -1.76 -28.04
C MET B 152 -16.79 -2.71 -29.23
N GLU B 153 -17.57 -3.78 -29.08
CA GLU B 153 -17.70 -4.77 -30.16
C GLU B 153 -18.38 -4.21 -31.39
N GLU B 154 -19.44 -3.40 -31.21
CA GLU B 154 -20.09 -2.74 -32.36
C GLU B 154 -19.27 -1.58 -32.95
N PHE B 155 -18.41 -0.95 -32.16
CA PHE B 155 -17.45 0.03 -32.73
C PHE B 155 -16.39 -0.68 -33.57
N ILE B 156 -15.81 -1.75 -33.04
CA ILE B 156 -14.77 -2.50 -33.74
C ILE B 156 -15.29 -3.08 -35.08
N GLY B 157 -16.56 -3.48 -35.13
CA GLY B 157 -17.23 -3.89 -36.38
C GLY B 157 -17.38 -2.80 -37.44
N THR B 158 -17.59 -1.56 -36.97
CA THR B 158 -17.59 -0.35 -37.82
C THR B 158 -16.31 -0.18 -38.68
N VAL B 159 -15.15 -0.54 -38.13
CA VAL B 159 -13.86 -0.14 -38.70
C VAL B 159 -13.64 -0.83 -40.03
N ARG B 160 -13.27 -0.04 -41.04
CA ARG B 160 -13.42 -0.43 -42.44
C ARG B 160 -12.09 -0.61 -43.21
N GLY B 161 -11.11 0.24 -42.95
CA GLY B 161 -9.87 0.30 -43.75
C GLY B 161 -9.08 -0.99 -43.82
N LYS B 162 -8.31 -1.16 -44.89
CA LYS B 162 -7.49 -2.36 -45.10
C LYS B 162 -6.27 -2.40 -44.16
N ALA B 163 -5.66 -1.24 -43.92
CA ALA B 163 -4.61 -1.11 -42.89
C ALA B 163 -5.11 -1.48 -41.48
N MET B 164 -6.39 -1.22 -41.23
CA MET B 164 -7.00 -1.49 -39.94
C MET B 164 -7.32 -2.98 -39.71
N LYS B 165 -7.56 -3.73 -40.79
CA LYS B 165 -7.99 -5.15 -40.72
C LYS B 165 -7.26 -5.96 -39.63
N LYS B 166 -5.92 -5.88 -39.63
CA LYS B 166 -5.10 -6.71 -38.73
C LYS B 166 -5.33 -6.41 -37.24
N TRP B 167 -5.49 -5.12 -36.91
CA TRP B 167 -5.68 -4.74 -35.51
CA TRP B 167 -5.73 -4.67 -35.53
C TRP B 167 -7.10 -5.11 -35.05
N VAL B 168 -8.09 -4.90 -35.91
CA VAL B 168 -9.49 -5.30 -35.66
C VAL B 168 -9.57 -6.80 -35.37
N GLU B 169 -8.86 -7.59 -36.17
CA GLU B 169 -8.79 -9.05 -35.99
C GLU B 169 -8.21 -9.39 -34.61
N SER B 170 -7.10 -8.74 -34.28
CA SER B 170 -6.37 -8.97 -33.02
C SER B 170 -7.19 -8.60 -31.76
N ILE B 171 -7.90 -7.48 -31.82
CA ILE B 171 -8.76 -7.03 -30.73
C ILE B 171 -9.92 -8.00 -30.49
N THR B 172 -10.56 -8.42 -31.58
CA THR B 172 -11.61 -9.44 -31.53
C THR B 172 -11.10 -10.76 -30.92
N LYS B 173 -9.87 -11.13 -31.29
CA LYS B 173 -9.22 -12.34 -30.76
C LYS B 173 -8.95 -12.24 -29.27
N ILE B 174 -8.50 -11.06 -28.81
CA ILE B 174 -8.26 -10.83 -27.39
C ILE B 174 -9.59 -10.84 -26.61
N ILE B 175 -10.62 -10.18 -27.14
CA ILE B 175 -11.94 -10.18 -26.53
C ILE B 175 -12.41 -11.60 -26.31
N GLN B 176 -12.33 -12.44 -27.35
CA GLN B 176 -12.76 -13.83 -27.24
C GLN B 176 -11.99 -14.65 -26.20
N ARG B 177 -10.67 -14.48 -26.15
CA ARG B 177 -9.86 -15.14 -25.11
C ARG B 177 -10.29 -14.71 -23.68
N LYS B 178 -10.64 -13.43 -23.53
CA LYS B 178 -10.93 -12.85 -22.22
C LYS B 178 -12.33 -13.18 -21.67
N LYS B 179 -13.25 -13.63 -22.52
CA LYS B 179 -14.51 -14.21 -22.05
C LYS B 179 -14.41 -15.70 -21.63
N ILE B 180 -13.21 -16.28 -21.51
CA ILE B 180 -13.05 -17.72 -21.21
C ILE B 180 -12.58 -17.94 -19.76
N ALA B 181 -13.17 -18.98 -19.13
CA ALA B 181 -12.87 -19.35 -17.74
C ALA B 181 -11.52 -20.05 -17.63
N ILE B 190 3.71 -25.65 -10.96
CA ILE B 190 4.07 -24.59 -11.91
C ILE B 190 5.30 -24.96 -12.78
N THR B 191 6.07 -25.98 -12.36
CA THR B 191 7.31 -26.45 -13.04
C THR B 191 8.45 -25.41 -13.08
N PHE B 192 9.68 -25.90 -13.29
CA PHE B 192 10.91 -25.18 -12.90
C PHE B 192 11.95 -25.03 -14.01
N GLN B 193 12.92 -24.13 -13.81
CA GLN B 193 14.03 -23.90 -14.76
C GLN B 193 15.10 -24.96 -14.62
N SER B 194 15.49 -25.23 -13.37
CA SER B 194 16.30 -26.40 -12.97
C SER B 194 15.65 -27.00 -11.71
N SER B 195 16.32 -27.93 -11.02
CA SER B 195 15.70 -28.64 -9.90
C SER B 195 15.61 -27.82 -8.61
N PRO B 196 14.39 -27.69 -8.03
CA PRO B 196 14.31 -27.06 -6.71
C PRO B 196 14.92 -27.95 -5.63
N PRO B 197 15.33 -27.35 -4.51
CA PRO B 197 15.97 -28.13 -3.45
C PRO B 197 15.04 -29.17 -2.79
N THR B 198 15.64 -30.19 -2.19
CA THR B 198 14.89 -31.24 -1.51
C THR B 198 14.12 -30.64 -0.34
N VAL B 199 12.85 -31.05 -0.21
CA VAL B 199 11.98 -30.64 0.90
C VAL B 199 12.57 -31.16 2.24
N GLU B 200 12.53 -30.31 3.27
CA GLU B 200 13.10 -30.60 4.58
C GLU B 200 12.05 -31.03 5.60
N TRP B 201 12.34 -32.12 6.32
CA TRP B 201 11.51 -32.64 7.40
C TRP B 201 12.32 -32.72 8.68
N HIS B 202 11.68 -32.45 9.81
CA HIS B 202 12.31 -32.53 11.13
C HIS B 202 11.59 -33.64 11.90
N ILE B 203 10.79 -33.33 12.91
CA ILE B 203 10.18 -34.35 13.74
C ILE B 203 8.90 -34.90 13.09
N SER B 204 8.03 -34.03 12.58
CA SER B 204 6.83 -34.49 11.90
C SER B 204 7.23 -35.20 10.60
N ARG B 205 6.68 -36.39 10.38
CA ARG B 205 6.96 -37.14 9.15
C ARG B 205 5.97 -36.72 8.06
N PRO B 206 6.31 -36.94 6.77
CA PRO B 206 5.38 -36.63 5.68
C PRO B 206 4.03 -37.32 5.87
N GLY B 207 2.95 -36.63 5.52
CA GLY B 207 1.60 -37.17 5.64
C GLY B 207 0.94 -37.04 7.00
N HIS B 208 1.70 -36.79 8.06
CA HIS B 208 1.18 -36.77 9.42
C HIS B 208 0.87 -35.33 9.86
N ILE B 209 -0.11 -34.74 9.16
CA ILE B 209 -0.51 -33.34 9.38
C ILE B 209 -0.99 -33.05 10.81
N GLU B 210 -1.50 -34.08 11.50
CA GLU B 210 -1.92 -33.96 12.90
C GLU B 210 -0.84 -33.51 13.90
N THR B 211 0.43 -33.81 13.60
CA THR B 211 1.55 -33.44 14.47
C THR B 211 2.25 -32.14 14.06
N PHE B 212 1.91 -31.59 12.90
CA PHE B 212 2.54 -30.36 12.40
C PHE B 212 2.37 -29.25 13.44
N ASP B 213 3.45 -28.51 13.66
CA ASP B 213 3.43 -27.37 14.58
C ASP B 213 4.73 -26.59 14.36
N LEU B 214 4.87 -25.45 15.03
CA LEU B 214 6.05 -24.58 14.92
C LEU B 214 7.39 -25.29 15.09
N LEU B 215 7.49 -26.17 16.08
CA LEU B 215 8.75 -26.83 16.42
C LEU B 215 8.91 -28.21 15.80
N THR B 216 7.83 -28.81 15.30
CA THR B 216 7.89 -30.17 14.73
C THR B 216 8.20 -30.17 13.23
N LEU B 217 7.79 -29.14 12.51
CA LEU B 217 8.20 -28.97 11.12
C LEU B 217 9.62 -28.39 11.06
N HIS B 218 10.27 -28.56 9.94
CA HIS B 218 11.61 -28.03 9.80
C HIS B 218 11.52 -26.51 9.61
N PRO B 219 12.25 -25.73 10.41
CA PRO B 219 12.15 -24.28 10.21
C PRO B 219 12.44 -23.82 8.77
N ILE B 220 13.38 -24.45 8.06
CA ILE B 220 13.60 -24.12 6.64
C ILE B 220 12.30 -24.28 5.82
N GLU B 221 11.58 -25.37 6.02
CA GLU B 221 10.42 -25.67 5.18
C GLU B 221 9.22 -24.83 5.57
N ILE B 222 9.15 -24.44 6.84
CA ILE B 222 8.17 -23.45 7.27
C ILE B 222 8.39 -22.19 6.46
N ALA B 223 9.63 -21.70 6.46
CA ALA B 223 9.96 -20.48 5.74
C ALA B 223 9.72 -20.64 4.24
N ARG B 224 10.07 -21.79 3.67
CA ARG B 224 9.88 -21.99 2.21
C ARG B 224 8.41 -22.01 1.82
N GLN B 225 7.58 -22.75 2.57
CA GLN B 225 6.16 -22.87 2.25
C GLN B 225 5.37 -21.60 2.54
N LEU B 226 5.74 -20.87 3.59
CA LEU B 226 5.20 -19.51 3.82
C LEU B 226 5.62 -18.54 2.72
N THR B 227 6.87 -18.65 2.24
CA THR B 227 7.34 -17.80 1.16
C THR B 227 6.56 -18.09 -0.13
N LEU B 228 6.29 -19.35 -0.40
CA LEU B 228 5.44 -19.72 -1.56
C LEU B 228 4.01 -19.17 -1.49
N LEU B 229 3.34 -19.33 -0.34
CA LEU B 229 2.01 -18.75 -0.13
C LEU B 229 1.97 -17.24 -0.30
N GLU B 230 2.92 -16.59 0.35
CA GLU B 230 2.96 -15.14 0.42
C GLU B 230 3.36 -14.53 -0.92
N SER B 231 4.16 -15.28 -1.67
CA SER B 231 4.49 -14.88 -3.03
C SER B 231 3.25 -14.92 -3.92
N ASP B 232 2.48 -16.01 -3.87
CA ASP B 232 1.24 -16.08 -4.69
C ASP B 232 0.25 -14.99 -4.29
N LEU B 233 0.15 -14.72 -3.00
CA LEU B 233 -0.74 -13.69 -2.49
C LEU B 233 -0.32 -12.32 -3.02
N TYR B 234 0.98 -12.01 -2.96
CA TYR B 234 1.53 -10.77 -3.50
C TYR B 234 1.24 -10.66 -5.01
N ARG B 235 1.40 -11.75 -5.73
CA ARG B 235 1.26 -11.76 -7.20
C ARG B 235 -0.17 -11.56 -7.70
N ALA B 236 -1.15 -11.90 -6.88
CA ALA B 236 -2.56 -11.79 -7.26
C ALA B 236 -3.11 -10.36 -7.18
N VAL B 237 -2.42 -9.47 -6.48
CA VAL B 237 -2.93 -8.11 -6.27
C VAL B 237 -2.78 -7.27 -7.55
N GLN B 238 -3.88 -6.72 -8.04
CA GLN B 238 -3.92 -6.00 -9.32
C GLN B 238 -4.05 -4.50 -9.07
N PRO B 239 -3.62 -3.66 -10.04
CA PRO B 239 -3.73 -2.21 -9.87
C PRO B 239 -5.15 -1.69 -9.62
N SER B 240 -6.16 -2.38 -10.14
CA SER B 240 -7.56 -2.02 -9.90
C SER B 240 -7.96 -2.04 -8.41
N GLU B 241 -7.23 -2.81 -7.59
CA GLU B 241 -7.47 -2.88 -6.15
C GLU B 241 -6.79 -1.74 -5.37
N LEU B 242 -5.95 -0.95 -6.06
CA LEU B 242 -5.06 0.03 -5.44
C LEU B 242 -5.34 1.46 -5.90
N VAL B 243 -5.46 1.66 -7.20
CA VAL B 243 -5.72 2.99 -7.74
C VAL B 243 -7.02 3.51 -7.16
N GLY B 244 -7.03 4.80 -6.80
CA GLY B 244 -8.17 5.42 -6.12
C GLY B 244 -8.26 5.10 -4.64
N SER B 245 -7.22 4.47 -4.08
CA SER B 245 -7.14 4.12 -2.67
C SER B 245 -8.32 3.26 -2.20
N VAL B 246 -8.80 2.40 -3.11
CA VAL B 246 -10.10 1.74 -2.90
C VAL B 246 -10.12 0.73 -1.74
N TRP B 247 -8.95 0.29 -1.29
CA TRP B 247 -8.86 -0.67 -0.17
C TRP B 247 -9.17 0.00 1.20
N THR B 248 -9.20 1.34 1.23
CA THR B 248 -9.50 2.09 2.44
C THR B 248 -10.94 2.52 2.51
N LYS B 249 -11.72 2.27 1.45
CA LYS B 249 -13.11 2.78 1.36
C LYS B 249 -14.13 1.73 1.74
N GLU B 250 -15.40 2.12 1.79
CA GLU B 250 -16.43 1.24 2.34
C GLU B 250 -16.66 -0.04 1.52
N ASP B 251 -16.36 0.01 0.22
CA ASP B 251 -16.45 -1.16 -0.67
C ASP B 251 -15.13 -1.93 -0.81
N LYS B 252 -14.25 -1.82 0.17
CA LYS B 252 -12.95 -2.45 0.07
C LYS B 252 -13.01 -3.96 -0.15
N GLU B 253 -13.95 -4.64 0.47
CA GLU B 253 -14.09 -6.10 0.28
C GLU B 253 -14.53 -6.46 -1.15
N ILE B 254 -15.28 -5.56 -1.78
CA ILE B 254 -15.70 -5.75 -3.16
C ILE B 254 -14.51 -5.47 -4.09
N ASN B 255 -13.79 -4.37 -3.86
CA ASN B 255 -12.82 -3.86 -4.84
C ASN B 255 -11.37 -4.30 -4.65
N SER B 256 -11.02 -4.72 -3.43
CA SER B 256 -9.66 -5.14 -3.11
C SER B 256 -9.60 -6.50 -2.40
N PRO B 257 -10.31 -7.52 -2.92
CA PRO B 257 -10.34 -8.81 -2.24
C PRO B 257 -8.99 -9.49 -2.09
N ASN B 258 -8.16 -9.44 -3.13
CA ASN B 258 -6.83 -10.10 -3.11
C ASN B 258 -5.82 -9.42 -2.17
N LEU B 259 -5.80 -8.08 -2.17
CA LEU B 259 -4.95 -7.32 -1.27
C LEU B 259 -5.30 -7.63 0.18
N LEU B 260 -6.59 -7.57 0.49
CA LEU B 260 -7.09 -7.90 1.81
C LEU B 260 -6.77 -9.35 2.27
N LYS B 261 -6.93 -10.32 1.39
CA LYS B 261 -6.55 -11.70 1.73
C LYS B 261 -5.09 -11.76 2.11
N MET B 262 -4.27 -11.02 1.37
CA MET B 262 -2.84 -11.02 1.56
C MET B 262 -2.49 -10.44 2.91
N ILE B 263 -3.08 -9.28 3.23
CA ILE B 263 -2.82 -8.62 4.51
C ILE B 263 -3.31 -9.50 5.67
N ARG B 264 -4.47 -10.13 5.52
CA ARG B 264 -5.01 -10.97 6.59
C ARG B 264 -4.16 -12.17 6.90
N HIS B 265 -3.45 -12.68 5.88
CA HIS B 265 -2.55 -13.79 6.04
C HIS B 265 -1.40 -13.33 6.87
N THR B 266 -0.82 -12.19 6.48
CA THR B 266 0.31 -11.63 7.20
C THR B 266 -0.03 -11.42 8.68
N THR B 267 -1.17 -10.81 8.91
CA THR B 267 -1.68 -10.57 10.23
C THR B 267 -1.87 -11.86 11.02
N ASN B 268 -2.48 -12.85 10.38
CA ASN B 268 -2.65 -14.15 10.99
C ASN B 268 -1.35 -14.76 11.47
N LEU B 269 -0.31 -14.63 10.67
CA LEU B 269 0.97 -15.25 11.01
C LEU B 269 1.70 -14.54 12.11
N THR B 270 1.64 -13.21 12.08
CA THR B 270 2.19 -12.43 13.17
C THR B 270 1.53 -12.88 14.48
N LEU B 271 0.20 -12.95 14.47
CA LEU B 271 -0.58 -13.39 15.63
C LEU B 271 -0.29 -14.84 16.05
N TRP B 272 -0.13 -15.73 15.08
CA TRP B 272 0.23 -17.12 15.38
C TRP B 272 1.61 -17.18 16.08
N PHE B 273 2.58 -16.41 15.60
CA PHE B 273 3.88 -16.35 16.25
C PHE B 273 3.78 -15.86 17.67
N GLU B 274 2.99 -14.82 17.91
CA GLU B 274 2.79 -14.30 19.25
C GLU B 274 2.20 -15.36 20.16
N LYS B 275 1.25 -16.10 19.61
CA LYS B 275 0.47 -17.05 20.38
C LYS B 275 1.35 -18.23 20.80
N CYS B 276 2.10 -18.78 19.84
CA CYS B 276 3.07 -19.82 20.09
C CYS B 276 4.00 -19.41 21.24
N ILE B 277 4.39 -18.13 21.25
CA ILE B 277 5.31 -17.65 22.28
C ILE B 277 4.69 -17.62 23.67
N VAL B 278 3.62 -16.85 23.81
CA VAL B 278 3.02 -16.66 25.12
C VAL B 278 2.22 -17.84 25.69
N GLU B 279 1.80 -18.79 24.86
CA GLU B 279 1.17 -20.03 25.34
C GLU B 279 2.18 -21.11 25.67
N THR B 280 3.47 -20.88 25.39
CA THR B 280 4.53 -21.73 25.89
C THR B 280 4.97 -21.17 27.25
N GLU B 281 4.44 -21.73 28.33
CA GLU B 281 4.53 -21.09 29.65
C GLU B 281 5.88 -21.38 30.34
N ASN B 282 6.40 -22.58 30.10
CA ASN B 282 7.74 -22.97 30.55
C ASN B 282 8.81 -22.09 29.85
N LEU B 283 9.71 -21.52 30.65
CA LEU B 283 10.69 -20.55 30.16
C LEU B 283 11.64 -21.16 29.12
N GLU B 284 12.25 -22.29 29.46
CA GLU B 284 13.15 -22.99 28.57
C GLU B 284 12.47 -23.31 27.23
N GLU B 285 11.22 -23.76 27.27
CA GLU B 285 10.50 -24.08 26.06
C GLU B 285 10.21 -22.84 25.25
N ARG B 286 9.92 -21.73 25.93
CA ARG B 286 9.56 -20.48 25.28
C ARG B 286 10.79 -19.88 24.61
N VAL B 287 11.96 -20.06 25.22
CA VAL B 287 13.23 -19.67 24.61
C VAL B 287 13.44 -20.44 23.31
N ALA B 288 13.19 -21.75 23.32
CA ALA B 288 13.28 -22.56 22.11
C ALA B 288 12.33 -22.10 21.01
N VAL B 289 11.12 -21.69 21.40
CA VAL B 289 10.12 -21.18 20.46
C VAL B 289 10.58 -19.86 19.80
N VAL B 290 11.00 -18.90 20.61
CA VAL B 290 11.47 -17.60 20.10
C VAL B 290 12.68 -17.84 19.21
N SER B 291 13.59 -18.70 19.66
CA SER B 291 14.79 -19.02 18.91
C SER B 291 14.43 -19.63 17.54
N ARG B 292 13.47 -20.55 17.52
CA ARG B 292 13.05 -21.16 16.26
C ARG B 292 12.40 -20.13 15.33
N ILE B 293 11.63 -19.20 15.87
CA ILE B 293 11.02 -18.14 15.07
C ILE B 293 12.10 -17.25 14.44
N ILE B 294 13.19 -16.99 15.18
CA ILE B 294 14.30 -16.21 14.63
C ILE B 294 15.02 -16.99 13.48
N GLU B 295 15.08 -18.31 13.59
CA GLU B 295 15.64 -19.14 12.52
C GLU B 295 14.80 -19.05 11.23
N ILE B 296 13.49 -19.03 11.40
CA ILE B 296 12.57 -18.89 10.28
C ILE B 296 12.79 -17.51 9.61
N LEU B 297 12.97 -16.48 10.44
CA LEU B 297 13.29 -15.13 9.96
C LEU B 297 14.57 -15.12 9.13
N GLN B 298 15.59 -15.82 9.60
CA GLN B 298 16.85 -15.91 8.89
C GLN B 298 16.66 -16.46 7.48
N VAL B 299 15.80 -17.48 7.34
CA VAL B 299 15.52 -18.09 6.04
C VAL B 299 14.67 -17.15 5.16
N PHE B 300 13.70 -16.47 5.76
CA PHE B 300 12.95 -15.46 5.04
C PHE B 300 13.90 -14.46 4.44
N GLN B 301 14.84 -14.03 5.26
CA GLN B 301 15.85 -13.06 4.85
C GLN B 301 16.68 -13.62 3.66
N GLU B 302 17.09 -14.89 3.73
CA GLU B 302 17.78 -15.58 2.60
C GLU B 302 16.96 -15.62 1.31
N LEU B 303 15.64 -15.76 1.46
CA LEU B 303 14.71 -15.86 0.34
C LEU B 303 14.24 -14.51 -0.16
N ASN B 304 14.69 -13.41 0.46
CA ASN B 304 14.11 -12.08 0.24
C ASN B 304 12.59 -12.08 0.34
N ASN B 305 12.05 -12.80 1.31
CA ASN B 305 10.63 -12.64 1.67
C ASN B 305 10.51 -11.59 2.77
N PHE B 306 10.40 -10.34 2.36
CA PHE B 306 10.38 -9.22 3.31
C PHE B 306 9.02 -9.11 4.01
N ASN B 307 7.96 -9.61 3.38
CA ASN B 307 6.69 -9.74 4.08
C ASN B 307 6.85 -10.69 5.28
N GLY B 308 7.48 -11.83 5.03
CA GLY B 308 7.84 -12.79 6.08
C GLY B 308 8.72 -12.17 7.15
N VAL B 309 9.78 -11.50 6.74
CA VAL B 309 10.64 -10.82 7.69
C VAL B 309 9.81 -9.92 8.62
N LEU B 310 8.97 -9.08 8.02
CA LEU B 310 8.19 -8.14 8.80
C LEU B 310 7.11 -8.80 9.67
N GLU B 311 6.57 -9.93 9.24
CA GLU B 311 5.60 -10.61 10.09
C GLU B 311 6.27 -11.18 11.37
N VAL B 312 7.54 -11.55 11.30
CA VAL B 312 8.31 -11.89 12.50
C VAL B 312 8.68 -10.66 13.30
N VAL B 313 9.14 -9.61 12.64
CA VAL B 313 9.54 -8.41 13.36
C VAL B 313 8.33 -7.83 14.14
N SER B 314 7.17 -7.81 13.50
CA SER B 314 5.96 -7.30 14.11
C SER B 314 5.60 -8.09 15.38
N ALA B 315 5.70 -9.42 15.32
CA ALA B 315 5.40 -10.25 16.47
C ALA B 315 6.35 -9.97 17.61
N MET B 316 7.63 -9.78 17.29
CA MET B 316 8.65 -9.59 18.31
C MET B 316 8.54 -8.21 18.96
N ASN B 317 8.04 -7.24 18.22
CA ASN B 317 7.78 -5.89 18.75
C ASN B 317 6.43 -5.75 19.42
N SER B 318 5.57 -6.76 19.28
CA SER B 318 4.23 -6.74 19.86
C SER B 318 4.34 -6.59 21.36
N SER B 319 3.33 -5.97 21.95
CA SER B 319 3.42 -5.67 23.38
C SER B 319 3.43 -6.91 24.33
N PRO B 320 2.76 -8.02 23.95
CA PRO B 320 2.92 -9.24 24.79
C PRO B 320 4.25 -9.94 24.69
N VAL B 321 4.91 -9.85 23.53
CA VAL B 321 6.17 -10.52 23.29
C VAL B 321 7.38 -9.67 23.71
N TYR B 322 7.39 -8.38 23.35
CA TYR B 322 8.52 -7.48 23.59
C TYR B 322 8.93 -7.40 25.06
N ARG B 323 7.94 -7.46 25.96
CA ARG B 323 8.18 -7.33 27.40
C ARG B 323 8.83 -8.55 28.07
N LEU B 324 8.96 -9.68 27.36
CA LEU B 324 9.52 -10.92 27.92
C LEU B 324 11.03 -10.90 28.06
N ASP B 325 11.53 -10.09 28.97
CA ASP B 325 12.96 -9.91 29.20
C ASP B 325 13.68 -11.20 29.63
N HIS B 326 13.06 -12.03 30.46
CA HIS B 326 13.69 -13.32 30.86
C HIS B 326 13.92 -14.28 29.67
N THR B 327 13.02 -14.24 28.70
CA THR B 327 13.11 -15.09 27.52
C THR B 327 14.25 -14.60 26.62
N PHE B 328 14.24 -13.29 26.36
CA PHE B 328 15.22 -12.64 25.50
C PHE B 328 16.64 -12.79 26.04
N GLU B 329 16.79 -12.71 27.36
CA GLU B 329 18.07 -12.92 28.03
C GLU B 329 18.77 -14.23 27.58
N GLN B 330 17.99 -15.31 27.44
N GLN B 330 18.00 -15.31 27.44
CA GLN B 330 18.52 -16.66 27.12
CA GLN B 330 18.55 -16.64 27.12
C GLN B 330 18.67 -16.95 25.61
C GLN B 330 18.65 -16.95 25.61
N ILE B 331 18.30 -15.98 24.76
CA ILE B 331 18.45 -16.12 23.29
C ILE B 331 19.94 -16.00 22.96
N PRO B 332 20.51 -17.00 22.23
CA PRO B 332 21.95 -16.93 21.89
C PRO B 332 22.24 -15.65 21.16
N SER B 333 23.43 -15.08 21.38
CA SER B 333 23.76 -13.76 20.84
C SER B 333 23.68 -13.68 19.31
N ARG B 334 24.00 -14.77 18.62
CA ARG B 334 23.91 -14.78 17.17
C ARG B 334 22.48 -14.46 16.71
N GLN B 335 21.50 -15.03 17.38
CA GLN B 335 20.10 -14.85 16.97
C GLN B 335 19.53 -13.50 17.41
N LYS B 336 20.03 -13.00 18.54
CA LYS B 336 19.77 -11.61 18.93
C LYS B 336 20.17 -10.67 17.80
N LYS B 337 21.40 -10.86 17.30
CA LYS B 337 21.93 -10.03 16.20
C LYS B 337 21.09 -10.13 14.92
N ILE B 338 20.70 -11.36 14.57
CA ILE B 338 19.80 -11.57 13.44
C ILE B 338 18.50 -10.77 13.59
N LEU B 339 17.88 -10.87 14.77
CA LEU B 339 16.64 -10.18 15.04
C LEU B 339 16.84 -8.69 15.02
N GLU B 340 17.93 -8.22 15.64
CA GLU B 340 18.20 -6.78 15.70
C GLU B 340 18.41 -6.17 14.30
N GLU B 341 19.15 -6.87 13.44
CA GLU B 341 19.36 -6.46 12.05
C GLU B 341 18.03 -6.35 11.30
N ALA B 342 17.16 -7.33 11.49
CA ALA B 342 15.85 -7.34 10.83
C ALA B 342 14.98 -6.20 11.31
N HIS B 343 14.96 -5.95 12.62
CA HIS B 343 14.24 -4.81 13.14
C HIS B 343 14.70 -3.48 12.53
N GLU B 344 16.00 -3.34 12.30
CA GLU B 344 16.58 -2.11 11.79
C GLU B 344 16.16 -1.79 10.36
N LEU B 345 15.75 -2.81 9.60
CA LEU B 345 15.11 -2.58 8.31
C LEU B 345 13.95 -1.60 8.45
N SER B 346 13.18 -1.71 9.55
CA SER B 346 11.97 -0.91 9.75
C SER B 346 12.22 0.48 10.30
N GLU B 347 13.39 0.69 10.90
CA GLU B 347 13.73 1.96 11.53
C GLU B 347 13.82 3.12 10.55
N ASP B 348 13.68 4.34 11.08
CA ASP B 348 13.75 5.56 10.28
C ASP B 348 12.92 5.45 8.97
N HIS B 349 11.65 5.12 9.12
CA HIS B 349 10.71 5.05 7.99
C HIS B 349 11.18 4.10 6.88
N TYR B 350 11.62 2.91 7.27
CA TYR B 350 12.02 1.85 6.37
C TYR B 350 13.23 2.18 5.49
N LYS B 351 14.12 3.03 5.99
CA LYS B 351 15.29 3.50 5.24
C LYS B 351 16.12 2.33 4.73
N LYS B 352 16.48 1.43 5.64
CA LYS B 352 17.32 0.29 5.28
C LYS B 352 16.57 -0.75 4.45
N TYR B 353 15.29 -0.97 4.75
CA TYR B 353 14.47 -1.87 3.94
C TYR B 353 14.43 -1.40 2.48
N LEU B 354 14.08 -0.13 2.28
CA LEU B 354 14.04 0.50 0.94
C LEU B 354 15.35 0.32 0.15
N ALA B 355 16.49 0.65 0.77
CA ALA B 355 17.81 0.49 0.15
C ALA B 355 18.09 -0.98 -0.18
N LYS B 356 17.73 -1.88 0.72
CA LYS B 356 17.94 -3.30 0.45
C LYS B 356 17.06 -3.81 -0.69
N LEU B 357 15.80 -3.36 -0.76
CA LEU B 357 14.86 -3.80 -1.79
C LEU B 357 15.31 -3.35 -3.18
N ARG B 358 15.72 -2.09 -3.30
CA ARG B 358 16.27 -1.52 -4.55
C ARG B 358 17.39 -2.40 -5.15
N SER B 359 18.22 -2.95 -4.27
CA SER B 359 19.48 -3.60 -4.61
C SER B 359 19.40 -5.10 -4.79
N ILE B 360 18.20 -5.67 -4.74
CA ILE B 360 18.04 -7.10 -4.99
C ILE B 360 17.14 -7.28 -6.20
N ASN B 361 17.27 -8.46 -6.81
CA ASN B 361 16.50 -8.81 -7.99
C ASN B 361 15.54 -9.94 -7.64
N PRO B 362 14.45 -10.10 -8.42
CA PRO B 362 13.54 -11.22 -8.21
C PRO B 362 14.24 -12.59 -8.13
N PRO B 363 13.62 -13.58 -7.50
CA PRO B 363 12.30 -13.47 -6.87
C PRO B 363 12.39 -12.83 -5.50
N CYS B 364 11.36 -12.11 -5.11
CA CYS B 364 11.21 -11.66 -3.74
C CYS B 364 9.73 -11.43 -3.40
N VAL B 365 9.46 -11.21 -2.12
CA VAL B 365 8.12 -10.81 -1.66
C VAL B 365 8.26 -9.49 -0.87
N PRO B 366 7.95 -8.35 -1.52
CA PRO B 366 7.99 -7.08 -0.81
C PRO B 366 6.98 -7.00 0.31
N PHE B 367 7.23 -6.06 1.21
CA PHE B 367 6.25 -5.65 2.18
C PHE B 367 5.36 -4.64 1.51
N PHE B 368 4.06 -4.92 1.45
CA PHE B 368 3.10 -4.12 0.70
C PHE B 368 2.74 -2.80 1.37
N GLY B 369 2.81 -2.74 2.70
CA GLY B 369 2.33 -1.55 3.44
C GLY B 369 2.87 -0.21 2.96
N ILE B 370 4.13 -0.19 2.54
CA ILE B 370 4.78 1.01 2.08
C ILE B 370 4.12 1.54 0.82
N TYR B 371 3.82 0.63 -0.09
CA TYR B 371 3.17 1.01 -1.32
C TYR B 371 1.79 1.61 -1.06
N LEU B 372 1.08 1.02 -0.12
CA LEU B 372 -0.28 1.44 0.18
C LEU B 372 -0.28 2.85 0.67
N THR B 373 0.57 3.13 1.66
CA THR B 373 0.72 4.47 2.22
C THR B 373 1.15 5.50 1.19
N ASN B 374 2.12 5.14 0.33
CA ASN B 374 2.57 6.04 -0.69
C ASN B 374 1.50 6.37 -1.75
N ILE B 375 0.71 5.39 -2.16
CA ILE B 375 -0.41 5.62 -3.07
C ILE B 375 -1.43 6.54 -2.44
N LEU B 376 -1.84 6.23 -1.21
CA LEU B 376 -2.84 7.03 -0.50
C LEU B 376 -2.43 8.46 -0.36
N LYS B 377 -1.20 8.67 0.11
CA LYS B 377 -0.69 10.03 0.33
C LYS B 377 -0.50 10.82 -0.95
N THR B 378 -0.15 10.12 -2.03
CA THR B 378 -0.03 10.73 -3.32
C THR B 378 -1.39 11.25 -3.74
N GLU B 379 -2.40 10.39 -3.61
CA GLU B 379 -3.76 10.78 -4.01
C GLU B 379 -4.36 11.86 -3.10
N GLU B 380 -4.07 11.79 -1.80
CA GLU B 380 -4.62 12.75 -0.85
C GLU B 380 -3.87 14.09 -0.89
N GLY B 381 -2.56 14.05 -1.10
CA GLY B 381 -1.72 15.24 -0.95
C GLY B 381 -1.52 16.06 -2.22
N ASN B 382 -2.24 15.72 -3.29
CA ASN B 382 -2.19 16.45 -4.55
C ASN B 382 -3.61 16.72 -5.07
N PRO B 383 -3.84 17.88 -5.70
CA PRO B 383 -5.18 18.23 -6.16
C PRO B 383 -5.56 17.45 -7.41
N GLU B 384 -6.85 17.18 -7.55
CA GLU B 384 -7.38 16.44 -8.69
C GLU B 384 -7.29 17.31 -9.96
N VAL B 385 -7.43 18.62 -9.82
CA VAL B 385 -7.31 19.54 -10.93
C VAL B 385 -6.38 20.68 -10.60
N LEU B 386 -5.78 21.27 -11.63
CA LEU B 386 -5.05 22.52 -11.53
C LEU B 386 -5.82 23.52 -12.34
N LYS B 387 -5.76 24.79 -11.95
CA LYS B 387 -6.44 25.86 -12.69
C LYS B 387 -5.45 26.82 -13.35
N ARG B 388 -5.76 27.21 -14.58
CA ARG B 388 -4.93 28.12 -15.36
C ARG B 388 -5.85 29.03 -16.15
N HIS B 389 -5.71 30.35 -15.95
CA HIS B 389 -6.57 31.36 -16.58
C HIS B 389 -8.06 31.04 -16.38
N GLY B 390 -8.42 30.56 -15.19
CA GLY B 390 -9.79 30.23 -14.85
C GLY B 390 -10.30 28.89 -15.35
N LYS B 391 -9.47 28.13 -16.07
CA LYS B 391 -9.88 26.85 -16.65
C LYS B 391 -9.35 25.65 -15.88
N GLU B 392 -10.18 24.63 -15.76
CA GLU B 392 -9.93 23.46 -14.93
C GLU B 392 -9.19 22.43 -15.79
N LEU B 393 -8.01 22.00 -15.37
CA LEU B 393 -7.21 20.99 -16.08
C LEU B 393 -7.03 19.78 -15.18
N ILE B 394 -7.18 18.59 -15.74
CA ILE B 394 -6.96 17.37 -14.96
C ILE B 394 -5.48 17.28 -14.61
N ASN B 395 -5.18 17.08 -13.33
CA ASN B 395 -3.79 16.97 -12.84
C ASN B 395 -3.28 15.58 -13.18
N PHE B 396 -2.64 15.44 -14.33
CA PHE B 396 -2.18 14.12 -14.76
C PHE B 396 -0.92 13.64 -14.03
N SER B 397 -0.03 14.54 -13.66
CA SER B 397 1.18 14.16 -12.95
C SER B 397 0.93 13.39 -11.67
N LYS B 398 -0.17 13.72 -11.01
CA LYS B 398 -0.62 12.99 -9.84
C LYS B 398 -0.86 11.51 -10.16
N ARG B 399 -1.52 11.26 -11.29
CA ARG B 399 -1.80 9.91 -11.72
C ARG B 399 -0.54 9.14 -12.12
N ARG B 400 0.36 9.82 -12.86
CA ARG B 400 1.66 9.27 -13.20
C ARG B 400 2.37 8.72 -11.98
N LYS B 401 2.39 9.49 -10.89
CA LYS B 401 3.06 9.08 -9.65
C LYS B 401 2.46 7.79 -9.08
N VAL B 402 1.13 7.66 -9.16
CA VAL B 402 0.43 6.46 -8.70
C VAL B 402 0.78 5.27 -9.58
N ALA B 403 0.78 5.51 -10.89
CA ALA B 403 1.17 4.47 -11.86
C ALA B 403 2.62 4.04 -11.71
N GLU B 404 3.52 4.96 -11.37
CA GLU B 404 4.89 4.60 -11.02
C GLU B 404 4.96 3.60 -9.86
N ILE B 405 4.14 3.83 -8.84
CA ILE B 405 4.11 2.93 -7.67
C ILE B 405 3.53 1.56 -8.06
N THR B 406 2.42 1.54 -8.79
CA THR B 406 1.83 0.25 -9.20
C THR B 406 2.75 -0.52 -10.15
N GLY B 407 3.54 0.22 -10.95
CA GLY B 407 4.56 -0.39 -11.79
C GLY B 407 5.69 -1.00 -10.99
N GLU B 408 6.16 -0.30 -9.95
CA GLU B 408 7.17 -0.86 -9.07
C GLU B 408 6.65 -2.15 -8.38
N ILE B 409 5.38 -2.17 -7.99
CA ILE B 409 4.72 -3.38 -7.43
C ILE B 409 4.74 -4.54 -8.43
N GLN B 410 4.40 -4.24 -9.68
CA GLN B 410 4.29 -5.26 -10.74
C GLN B 410 5.62 -5.88 -11.15
N GLN B 411 6.73 -5.17 -10.93
CA GLN B 411 8.05 -5.65 -11.37
C GLN B 411 8.50 -6.87 -10.56
N TYR B 412 8.07 -6.97 -9.31
CA TYR B 412 8.35 -8.16 -8.47
C TYR B 412 7.28 -9.26 -8.57
N GLN B 413 6.29 -9.10 -9.44
CA GLN B 413 5.21 -10.09 -9.58
C GLN B 413 5.42 -11.13 -10.68
N ASN B 414 6.47 -11.00 -11.50
CA ASN B 414 6.63 -11.85 -12.67
C ASN B 414 7.42 -13.12 -12.41
N GLN B 415 8.36 -13.06 -11.45
CA GLN B 415 9.33 -14.13 -11.25
C GLN B 415 8.94 -15.04 -10.08
N PRO B 416 8.63 -16.32 -10.35
CA PRO B 416 8.31 -17.23 -9.26
C PRO B 416 9.55 -17.79 -8.57
N TYR B 417 9.37 -18.30 -7.35
CA TYR B 417 10.43 -18.98 -6.60
C TYR B 417 10.68 -20.40 -7.13
N CYS B 418 11.93 -20.81 -7.11
CA CYS B 418 12.27 -22.19 -7.46
C CYS B 418 12.25 -23.07 -6.20
N LEU B 419 11.03 -23.31 -5.69
CA LEU B 419 10.79 -24.17 -4.52
C LEU B 419 9.59 -25.08 -4.78
N ARG B 420 9.70 -26.34 -4.38
CA ARG B 420 8.58 -27.28 -4.48
C ARG B 420 7.52 -26.98 -3.41
N VAL B 421 6.27 -26.96 -3.82
CA VAL B 421 5.14 -26.92 -2.88
C VAL B 421 5.03 -28.27 -2.16
N GLU B 422 4.78 -28.20 -0.86
CA GLU B 422 4.40 -29.38 -0.08
C GLU B 422 2.94 -29.11 0.35
N SER B 423 2.04 -29.93 -0.16
CA SER B 423 0.62 -29.58 -0.13
C SER B 423 0.05 -29.69 1.29
N ASP B 424 0.58 -30.58 2.12
CA ASP B 424 0.16 -30.64 3.52
C ASP B 424 0.65 -29.46 4.35
N ILE B 425 1.92 -29.09 4.21
CA ILE B 425 2.45 -27.93 4.94
C ILE B 425 1.73 -26.66 4.48
N LYS B 426 1.55 -26.53 3.17
CA LYS B 426 0.80 -25.42 2.61
C LYS B 426 -0.59 -25.27 3.26
N ARG B 427 -1.31 -26.38 3.31
N ARG B 427 -1.35 -26.36 3.32
CA ARG B 427 -2.67 -26.41 3.84
CA ARG B 427 -2.71 -26.30 3.84
C ARG B 427 -2.67 -26.01 5.31
C ARG B 427 -2.75 -26.11 5.36
N PHE B 428 -1.70 -26.54 6.07
CA PHE B 428 -1.54 -26.20 7.49
C PHE B 428 -1.48 -24.68 7.71
N PHE B 429 -0.66 -23.98 6.93
CA PHE B 429 -0.53 -22.52 7.05
C PHE B 429 -1.72 -21.73 6.46
N GLU B 430 -2.32 -22.25 5.40
CA GLU B 430 -3.57 -21.64 4.88
C GLU B 430 -4.70 -21.65 5.90
N ASN B 431 -4.80 -22.73 6.68
CA ASN B 431 -5.92 -22.95 7.62
C ASN B 431 -5.61 -22.57 9.06
N LEU B 432 -4.47 -21.92 9.27
CA LEU B 432 -4.09 -21.35 10.56
C LEU B 432 -5.12 -20.31 10.98
N ASN B 433 -5.54 -20.38 12.25
CA ASN B 433 -6.59 -19.51 12.74
C ASN B 433 -6.37 -19.28 14.23
N PRO B 434 -5.31 -18.55 14.59
CA PRO B 434 -4.94 -18.39 16.00
C PRO B 434 -6.01 -17.71 16.85
N MET B 435 -6.72 -16.76 16.27
CA MET B 435 -7.84 -16.10 16.93
C MET B 435 -9.04 -17.04 17.23
N GLY B 436 -9.28 -18.04 16.39
CA GLY B 436 -10.47 -18.90 16.55
C GLY B 436 -11.74 -18.07 16.39
N ASN B 437 -12.70 -18.31 17.28
CA ASN B 437 -13.98 -17.59 17.30
C ASN B 437 -13.96 -16.20 17.99
N SER B 438 -12.80 -15.79 18.54
CA SER B 438 -12.71 -14.56 19.35
C SER B 438 -12.56 -13.29 18.50
N MET B 439 -13.05 -12.19 19.05
CA MET B 439 -12.84 -10.89 18.43
C MET B 439 -11.42 -10.42 18.73
N GLU B 440 -10.97 -9.40 18.01
CA GLU B 440 -9.59 -8.89 18.07
C GLU B 440 -9.18 -8.42 19.47
N LYS B 441 -9.99 -7.53 20.05
CA LYS B 441 -9.71 -6.93 21.35
C LYS B 441 -9.54 -8.05 22.41
N GLU B 442 -10.55 -8.91 22.46
CA GLU B 442 -10.60 -10.10 23.33
C GLU B 442 -9.34 -10.99 23.18
N PHE B 443 -8.94 -11.24 21.93
CA PHE B 443 -7.79 -12.08 21.64
C PHE B 443 -6.46 -11.45 22.02
N THR B 444 -6.30 -10.17 21.69
CA THR B 444 -5.06 -9.49 22.01
C THR B 444 -4.95 -9.23 23.52
N ASP B 445 -6.07 -8.95 24.20
CA ASP B 445 -6.09 -8.92 25.68
C ASP B 445 -5.69 -10.27 26.27
N TYR B 446 -6.13 -11.37 25.65
CA TYR B 446 -5.74 -12.69 26.14
C TYR B 446 -4.24 -12.88 25.99
N LEU B 447 -3.67 -12.55 24.84
CA LEU B 447 -2.23 -12.66 24.63
C LEU B 447 -1.46 -11.84 25.68
N PHE B 448 -1.90 -10.62 25.92
CA PHE B 448 -1.24 -9.75 26.89
C PHE B 448 -1.35 -10.30 28.33
N ASN B 449 -2.55 -10.69 28.74
CA ASN B 449 -2.72 -11.31 30.06
C ASN B 449 -1.87 -12.59 30.21
N LYS B 450 -1.69 -13.33 29.12
CA LYS B 450 -0.86 -14.51 29.13
C LYS B 450 0.61 -14.10 29.36
N SER B 451 1.06 -13.05 28.66
CA SER B 451 2.38 -12.46 28.87
C SER B 451 2.59 -12.09 30.34
N LEU B 452 1.60 -11.43 30.93
CA LEU B 452 1.68 -11.06 32.36
C LEU B 452 1.76 -12.27 33.30
N GLU B 453 1.08 -13.36 32.96
CA GLU B 453 1.09 -14.57 33.78
C GLU B 453 2.47 -15.24 33.75
N ILE B 454 3.02 -15.39 32.55
CA ILE B 454 4.27 -16.13 32.40
C ILE B 454 5.54 -15.36 32.86
N GLU B 455 5.48 -14.02 32.83
CA GLU B 455 6.56 -13.15 33.27
C GLU B 455 5.92 -11.90 33.87
N PRO B 456 5.54 -11.96 35.16
CA PRO B 456 4.91 -10.82 35.84
C PRO B 456 5.77 -9.56 35.87
N ARG B 457 5.12 -8.40 36.04
CA ARG B 457 5.81 -7.13 36.24
C ARG B 457 6.69 -7.17 37.50
N ASN B 458 7.86 -6.51 37.45
CA ASN B 458 8.61 -6.22 38.68
C ASN B 458 7.69 -5.52 39.70
N PRO B 459 7.87 -5.73 41.00
CA PRO B 459 8.89 -6.60 41.59
C PRO B 459 8.44 -8.06 41.79
N LYS B 460 7.29 -8.46 41.19
CA LYS B 460 6.77 -9.79 41.42
C LYS B 460 7.76 -10.83 40.83
N PRO B 461 8.03 -11.93 41.58
CA PRO B 461 9.07 -12.85 41.13
C PRO B 461 8.58 -13.80 40.04
N LEU B 462 9.51 -14.46 39.38
CA LEU B 462 9.19 -15.24 38.19
C LEU B 462 8.70 -16.63 38.62
N PRO B 463 7.46 -17.01 38.28
CA PRO B 463 7.04 -18.37 38.57
C PRO B 463 7.72 -19.39 37.64
N ARG B 464 7.62 -20.66 37.98
CA ARG B 464 7.96 -21.76 37.09
C ARG B 464 6.68 -22.38 36.58
N PHE B 465 6.75 -22.97 35.41
CA PHE B 465 5.61 -23.61 34.78
C PHE B 465 6.07 -24.93 34.20
N PRO B 466 5.21 -25.94 34.18
CA PRO B 466 5.63 -27.25 33.65
C PRO B 466 5.77 -27.25 32.12
N LYS B 467 6.53 -28.21 31.61
CA LYS B 467 6.70 -28.41 30.17
C LYS B 467 5.43 -28.93 29.49
N LYS B 468 5.17 -28.46 28.27
CA LYS B 468 4.05 -28.91 27.42
C LYS B 468 4.49 -29.78 26.23
N TYR B 469 5.78 -29.79 25.90
CA TYR B 469 6.29 -30.50 24.71
C TYR B 469 7.01 -31.76 25.13
N SER B 470 6.56 -32.89 24.60
CA SER B 470 7.13 -34.20 24.90
C SER B 470 8.13 -34.70 23.84
N TYR B 471 8.48 -33.83 22.90
CA TYR B 471 9.51 -34.11 21.88
C TYR B 471 10.73 -33.21 22.13
N PRO B 472 11.89 -33.51 21.51
CA PRO B 472 13.08 -32.67 21.76
C PRO B 472 12.95 -31.27 21.17
N LEU B 473 13.53 -30.30 21.87
CA LEU B 473 13.44 -28.87 21.55
C LEU B 473 14.58 -28.38 20.64
N LYS B 474 15.60 -29.23 20.41
CA LYS B 474 16.81 -28.81 19.71
C LYS B 474 16.46 -28.60 18.25
N SER B 475 16.89 -27.47 17.70
CA SER B 475 16.64 -27.16 16.31
C SER B 475 17.55 -27.96 15.41
N PRO B 476 17.04 -28.40 14.25
CA PRO B 476 17.92 -28.96 13.23
C PRO B 476 18.76 -27.91 12.54
N GLY B 477 18.51 -26.63 12.81
CA GLY B 477 19.27 -25.58 12.21
C GLY B 477 18.72 -25.23 10.85
N VAL B 478 19.45 -24.36 10.18
CA VAL B 478 18.92 -23.60 9.07
C VAL B 478 19.69 -23.88 7.77
N ARG B 479 20.49 -24.93 7.79
CA ARG B 479 21.32 -25.32 6.66
C ARG B 479 20.72 -26.62 6.08
N PRO B 480 20.57 -26.69 4.74
CA PRO B 480 20.06 -27.89 4.07
C PRO B 480 20.75 -29.19 4.42
N SER B 481 19.97 -30.27 4.49
CA SER B 481 20.47 -31.58 4.92
C SER B 481 21.21 -32.28 3.79
N ASN B 482 20.64 -32.24 2.58
CA ASN B 482 21.22 -32.89 1.40
C ASN B 482 21.69 -31.87 0.36
N PRO B 483 22.63 -32.28 -0.54
CA PRO B 483 23.19 -31.37 -1.54
C PRO B 483 22.30 -31.08 -2.76
N ARG B 484 22.26 -29.82 -3.17
CA ARG B 484 21.76 -29.41 -4.49
C ARG B 484 20.29 -29.77 -4.72
#